data_4DF2
#
_entry.id   4DF2
#
_cell.length_a   127.736
_cell.length_b   127.736
_cell.length_c   123.646
_cell.angle_alpha   90.00
_cell.angle_beta   90.00
_cell.angle_gamma   120.00
#
_symmetry.space_group_name_H-M   'P 63 2 2'
#
loop_
_entity.id
_entity.type
_entity.pdbx_description
1 polymer 'NADPH dehydrogenase'
2 non-polymer 'FLAVIN MONONUCLEOTIDE'
3 non-polymer 'MALONIC ACID'
4 non-polymer 'SODIUM ION'
5 non-polymer 4-chlorophenol
6 water water
#
_entity_poly.entity_id   1
_entity_poly.type   'polypeptide(L)'
_entity_poly.pdbx_seq_one_letter_code
;MSSVKISPLKDSEAFQSIKVGNNTLQTKIVYPPTTRFRALEDHTPSDLQLQYYGDRSTFPGTLLITEATFVSPQASGYEG
AAPGIWTDKHAKAWKVITDKVHANGSFVSTQLIFLGRVADPAVMKTRGLNPVSASATYESDAAKEAAEAVGNPVRALTTQ
EVKDLVYETYTNAAQKAMDAGFDYIELHAAHGYLLDQFLQPCTNQRTDEYGGSIENRARLILELIDHLSTIVGADKIGIR
ISPWATFQNMKAHKDTVHPLTTFSYLVHELQQRADKGQGIAYISVVEPRVSGNVDVSEEDQAGDNEFVSKIWKGVILKAG
NYSYDAPEFKTLKEDIADKRTLVGFSRYFTSNPNLVWKLRDGIDLVPYDRNTFYSDNNYGYNTFSMDSEEVDKELEIKRV
PSAIEAL
;
_entity_poly.pdbx_strand_id   A
#
loop_
_chem_comp.id
_chem_comp.type
_chem_comp.name
_chem_comp.formula
4CH non-polymer 4-chlorophenol 'C6 H5 Cl O'
FMN non-polymer 'FLAVIN MONONUCLEOTIDE' 'C17 H21 N4 O9 P'
MLA non-polymer 'MALONIC ACID' 'C3 H4 O4'
NA non-polymer 'SODIUM ION' 'Na 1'
#
# COMPACT_ATOMS: atom_id res chain seq x y z
N SER A 2 9.88 -22.10 -9.19
CA SER A 2 10.15 -22.31 -10.61
C SER A 2 9.90 -21.06 -11.43
N SER A 3 10.66 -20.91 -12.51
CA SER A 3 10.50 -19.78 -13.42
C SER A 3 9.12 -19.84 -14.07
N VAL A 4 8.53 -18.69 -14.31
CA VAL A 4 7.19 -18.63 -14.88
C VAL A 4 7.20 -18.25 -16.37
N LYS A 5 6.79 -19.21 -17.20
CA LYS A 5 6.65 -18.95 -18.63
C LYS A 5 5.51 -17.97 -18.82
N ILE A 6 5.73 -16.97 -19.67
CA ILE A 6 4.69 -15.98 -19.91
C ILE A 6 4.63 -15.60 -21.38
N SER A 7 3.44 -15.28 -21.86
CA SER A 7 3.28 -14.76 -23.20
CA SER A 7 3.25 -14.76 -23.20
C SER A 7 3.46 -13.24 -23.18
N PRO A 8 3.91 -12.67 -24.31
CA PRO A 8 4.17 -11.22 -24.35
C PRO A 8 2.90 -10.40 -24.24
N LEU A 9 2.96 -9.31 -23.47
CA LEU A 9 1.82 -8.43 -23.32
C LEU A 9 1.94 -7.15 -24.16
N LYS A 10 2.98 -7.09 -24.99
CA LYS A 10 3.28 -5.89 -25.78
C LYS A 10 2.12 -5.32 -26.57
N ASP A 11 1.39 -6.18 -27.26
CA ASP A 11 0.32 -5.71 -28.13
C ASP A 11 -1.00 -5.57 -27.37
N SER A 12 -0.96 -5.81 -26.06
CA SER A 12 -2.18 -5.80 -25.27
C SER A 12 -2.48 -4.43 -24.71
N GLU A 13 -3.61 -4.34 -24.02
CA GLU A 13 -4.05 -3.12 -23.39
C GLU A 13 -3.04 -2.65 -22.32
N ALA A 14 -2.19 -3.56 -21.85
CA ALA A 14 -1.20 -3.22 -20.83
C ALA A 14 -0.15 -2.21 -21.29
N PHE A 15 -0.10 -1.96 -22.59
CA PHE A 15 0.85 -0.97 -23.11
C PHE A 15 0.18 0.14 -23.91
N GLN A 16 -1.07 0.40 -23.56
CA GLN A 16 -1.80 1.58 -24.01
C GLN A 16 -1.76 2.61 -22.89
N SER A 17 -1.51 3.86 -23.25
CA SER A 17 -1.39 4.92 -22.27
C SER A 17 -2.69 5.15 -21.53
N ILE A 18 -2.58 5.74 -20.33
CA ILE A 18 -3.75 6.05 -19.52
C ILE A 18 -3.45 7.20 -18.57
N LYS A 19 -4.36 8.17 -18.52
CA LYS A 19 -4.19 9.30 -17.64
C LYS A 19 -4.67 8.91 -16.25
N VAL A 20 -3.82 9.14 -15.25
CA VAL A 20 -4.16 8.85 -13.87
C VAL A 20 -3.93 10.13 -13.09
N GLY A 21 -5.02 10.80 -12.72
CA GLY A 21 -4.88 12.13 -12.15
C GLY A 21 -4.33 13.00 -13.26
N ASN A 22 -3.25 13.73 -12.99
CA ASN A 22 -2.68 14.62 -14.01
C ASN A 22 -1.54 14.04 -14.84
N ASN A 23 -1.18 12.78 -14.57
CA ASN A 23 -0.07 12.15 -15.28
C ASN A 23 -0.53 11.04 -16.19
N THR A 24 0.23 10.79 -17.25
CA THR A 24 -0.10 9.71 -18.16
C THR A 24 0.93 8.58 -18.05
N LEU A 25 0.45 7.38 -17.73
CA LEU A 25 1.29 6.19 -17.68
C LEU A 25 1.39 5.59 -19.07
N GLN A 26 2.54 5.02 -19.40
CA GLN A 26 2.70 4.36 -20.69
C GLN A 26 2.59 2.85 -20.56
N THR A 27 2.46 2.37 -19.33
CA THR A 27 2.13 0.96 -19.10
C THR A 27 1.09 0.88 -17.98
N LYS A 28 0.26 -0.15 -18.01
CA LYS A 28 -0.75 -0.33 -16.97
C LYS A 28 -0.27 -1.31 -15.91
N ILE A 29 0.94 -1.81 -16.08
CA ILE A 29 1.58 -2.66 -15.07
C ILE A 29 2.15 -1.77 -13.97
N VAL A 30 1.78 -2.04 -12.72
CA VAL A 30 2.13 -1.19 -11.59
C VAL A 30 2.90 -1.99 -10.53
N TYR A 31 3.82 -1.33 -9.83
CA TYR A 31 4.44 -1.95 -8.65
C TYR A 31 3.70 -1.48 -7.40
N PRO A 32 2.94 -2.37 -6.78
CA PRO A 32 2.10 -2.04 -5.62
C PRO A 32 2.96 -1.89 -4.38
N PRO A 33 2.43 -1.24 -3.33
CA PRO A 33 3.21 -1.01 -2.10
C PRO A 33 3.68 -2.32 -1.51
N THR A 34 5.00 -2.39 -1.27
CA THR A 34 5.62 -3.63 -0.82
C THR A 34 6.65 -3.36 0.28
N THR A 35 6.25 -3.60 1.52
CA THR A 35 7.08 -3.44 2.70
C THR A 35 8.30 -4.37 2.62
N ARG A 36 9.50 -3.82 2.78
CA ARG A 36 10.73 -4.62 2.70
C ARG A 36 11.69 -4.39 3.87
N PHE A 37 11.47 -3.34 4.66
CA PHE A 37 12.27 -3.04 5.86
C PHE A 37 13.75 -2.72 5.59
N ARG A 38 14.02 -2.03 4.48
CA ARG A 38 15.38 -1.58 4.20
C ARG A 38 15.54 -0.07 4.35
N ALA A 39 14.71 0.55 5.19
CA ALA A 39 14.89 1.95 5.52
C ALA A 39 15.97 2.06 6.61
N LEU A 40 16.33 3.29 6.95
CA LEU A 40 17.26 3.51 8.06
C LEU A 40 16.49 3.40 9.36
N GLU A 41 17.20 3.30 10.48
CA GLU A 41 16.55 3.04 11.75
C GLU A 41 15.70 4.21 12.24
N ASP A 42 16.03 5.43 11.84
CA ASP A 42 15.21 6.59 12.17
C ASP A 42 14.14 6.84 11.12
N HIS A 43 13.96 5.87 10.23
CA HIS A 43 12.88 5.83 9.22
C HIS A 43 13.08 6.71 8.00
N THR A 44 14.28 7.30 7.89
CA THR A 44 14.70 7.98 6.68
C THR A 44 15.00 6.93 5.62
N PRO A 45 14.53 7.16 4.39
CA PRO A 45 14.86 6.26 3.28
C PRO A 45 16.38 6.12 3.05
N SER A 46 16.79 4.97 2.53
CA SER A 46 18.21 4.61 2.50
C SER A 46 18.80 4.58 1.09
N ASP A 47 20.11 4.35 1.04
CA ASP A 47 20.81 4.16 -0.22
C ASP A 47 20.21 2.97 -0.96
N LEU A 48 19.94 1.87 -0.25
CA LEU A 48 19.38 0.69 -0.89
C LEU A 48 18.04 0.99 -1.58
N GLN A 49 17.20 1.76 -0.91
CA GLN A 49 15.88 2.10 -1.44
C GLN A 49 15.97 2.96 -2.68
N LEU A 50 16.89 3.91 -2.67
CA LEU A 50 17.11 4.75 -3.83
C LEU A 50 17.39 3.88 -5.06
N GLN A 51 18.29 2.92 -4.96
CA GLN A 51 18.54 2.05 -6.12
C GLN A 51 17.35 1.13 -6.42
N TYR A 52 16.69 0.64 -5.36
CA TYR A 52 15.60 -0.32 -5.52
C TYR A 52 14.47 0.28 -6.37
N TYR A 53 13.99 1.46 -5.99
CA TYR A 53 12.96 2.13 -6.77
C TYR A 53 13.48 2.59 -8.15
N GLY A 54 14.72 3.07 -8.19
CA GLY A 54 15.37 3.40 -9.45
C GLY A 54 15.33 2.25 -10.45
N ASP A 55 15.76 1.07 -10.01
CA ASP A 55 15.80 -0.12 -10.88
C ASP A 55 14.45 -0.51 -11.48
N ARG A 56 13.37 -0.09 -10.82
CA ARG A 56 12.03 -0.50 -11.23
C ARG A 56 11.30 0.57 -12.04
N SER A 57 11.99 1.66 -12.35
CA SER A 57 11.38 2.77 -13.07
C SER A 57 11.78 2.87 -14.55
N THR A 58 12.55 1.90 -15.04
CA THR A 58 13.17 2.02 -16.37
C THR A 58 12.25 1.93 -17.58
N PHE A 59 11.09 1.27 -17.48
CA PHE A 59 10.14 1.43 -18.57
C PHE A 59 9.47 2.78 -18.37
N PRO A 60 9.71 3.73 -19.29
CA PRO A 60 9.26 5.10 -19.07
C PRO A 60 7.76 5.13 -18.88
N GLY A 61 7.28 5.87 -17.89
CA GLY A 61 5.85 6.01 -17.68
C GLY A 61 5.25 4.87 -16.88
N THR A 62 6.06 4.26 -16.02
CA THR A 62 5.56 3.24 -15.08
C THR A 62 5.13 3.93 -13.80
N LEU A 63 4.04 3.48 -13.20
CA LEU A 63 3.71 3.93 -11.84
C LEU A 63 4.28 2.98 -10.77
N LEU A 64 5.06 3.52 -9.85
CA LEU A 64 5.52 2.78 -8.68
C LEU A 64 4.80 3.29 -7.45
N ILE A 65 4.39 2.40 -6.55
CA ILE A 65 3.80 2.83 -5.29
C ILE A 65 4.70 2.38 -4.15
N THR A 66 5.17 3.31 -3.32
CA THR A 66 6.12 2.94 -2.27
C THR A 66 5.50 1.99 -1.28
N GLU A 67 6.36 1.17 -0.67
CA GLU A 67 6.02 0.43 0.54
C GLU A 67 5.30 1.33 1.54
N ALA A 68 4.48 0.71 2.40
CA ALA A 68 3.83 1.43 3.50
C ALA A 68 4.80 2.37 4.21
N THR A 69 4.40 3.63 4.38
CA THR A 69 5.27 4.65 4.93
C THR A 69 4.54 5.37 6.05
N PHE A 70 5.16 5.44 7.24
CA PHE A 70 4.48 5.96 8.43
C PHE A 70 4.12 7.44 8.28
N VAL A 71 2.90 7.82 8.66
CA VAL A 71 2.52 9.24 8.63
C VAL A 71 3.04 10.03 9.81
N SER A 72 3.38 9.35 10.90
CA SER A 72 3.81 10.02 12.13
C SER A 72 4.41 9.01 13.11
N PRO A 73 5.03 9.49 14.20
CA PRO A 73 5.47 8.57 15.25
C PRO A 73 4.37 7.65 15.77
N GLN A 74 3.17 8.19 16.00
CA GLN A 74 2.08 7.38 16.54
C GLN A 74 1.62 6.33 15.51
N ALA A 75 1.94 6.56 14.24
CA ALA A 75 1.54 5.67 13.15
C ALA A 75 2.47 4.45 13.01
N SER A 76 3.61 4.47 13.69
CA SER A 76 4.60 3.42 13.50
C SER A 76 4.25 2.17 14.31
N GLY A 77 5.22 1.29 14.52
CA GLY A 77 5.01 0.13 15.35
C GLY A 77 5.54 -1.19 14.80
N TYR A 78 6.39 -1.13 13.78
CA TYR A 78 7.06 -2.32 13.26
C TYR A 78 8.41 -2.52 13.95
N GLU A 79 8.84 -3.77 14.09
CA GLU A 79 10.18 -4.04 14.61
C GLU A 79 11.22 -3.76 13.55
N GLY A 80 10.93 -4.19 12.32
CA GLY A 80 11.80 -3.89 11.19
C GLY A 80 11.83 -2.39 10.91
N ALA A 81 12.76 -1.98 10.05
CA ALA A 81 12.96 -0.57 9.78
C ALA A 81 12.18 -0.13 8.53
N ALA A 82 10.98 0.40 8.75
CA ALA A 82 10.15 0.92 7.67
C ALA A 82 10.30 2.44 7.56
N PRO A 83 10.07 3.01 6.37
CA PRO A 83 10.30 4.45 6.22
C PRO A 83 9.15 5.31 6.74
N GLY A 84 9.42 6.60 6.88
CA GLY A 84 8.42 7.56 7.32
C GLY A 84 8.35 8.74 6.37
N ILE A 85 7.35 9.59 6.55
CA ILE A 85 7.26 10.81 5.76
C ILE A 85 6.68 11.93 6.62
N TRP A 86 7.26 12.12 7.81
CA TRP A 86 6.75 13.19 8.68
C TRP A 86 7.78 14.29 9.03
N THR A 87 9.05 14.07 8.73
CA THR A 87 10.06 15.10 8.97
C THR A 87 10.66 15.64 7.67
N ASP A 88 11.30 16.81 7.75
CA ASP A 88 12.02 17.37 6.61
C ASP A 88 13.10 16.40 6.13
N LYS A 89 13.73 15.72 7.07
CA LYS A 89 14.79 14.77 6.74
C LYS A 89 14.23 13.63 5.92
N HIS A 90 13.06 13.13 6.29
CA HIS A 90 12.39 12.07 5.52
C HIS A 90 12.13 12.55 4.11
N ALA A 91 11.54 13.74 4.02
CA ALA A 91 11.10 14.27 2.72
C ALA A 91 12.30 14.48 1.80
N LYS A 92 13.39 15.02 2.35
CA LYS A 92 14.58 15.32 1.56
C LYS A 92 15.18 14.05 0.97
N ALA A 93 15.22 12.99 1.76
CA ALA A 93 15.74 11.73 1.27
C ALA A 93 14.79 11.09 0.23
N TRP A 94 13.49 11.08 0.51
CA TRP A 94 12.52 10.57 -0.48
C TRP A 94 12.62 11.33 -1.80
N LYS A 95 12.88 12.64 -1.72
CA LYS A 95 13.01 13.47 -2.92
C LYS A 95 14.13 13.00 -3.84
N VAL A 96 15.24 12.53 -3.27
CA VAL A 96 16.31 11.97 -4.09
C VAL A 96 15.77 10.79 -4.89
N ILE A 97 14.93 9.99 -4.25
CA ILE A 97 14.34 8.81 -4.88
C ILE A 97 13.31 9.17 -5.95
N THR A 98 12.38 10.06 -5.62
CA THR A 98 11.37 10.48 -6.60
C THR A 98 12.03 11.19 -7.79
N ASP A 99 13.05 12.01 -7.52
CA ASP A 99 13.83 12.64 -8.59
C ASP A 99 14.35 11.59 -9.58
N LYS A 100 14.90 10.50 -9.02
CA LYS A 100 15.49 9.44 -9.83
C LYS A 100 14.44 8.70 -10.66
N VAL A 101 13.28 8.44 -10.06
CA VAL A 101 12.19 7.82 -10.78
C VAL A 101 11.68 8.75 -11.88
N HIS A 102 11.59 10.04 -11.56
CA HIS A 102 11.10 11.02 -12.54
C HIS A 102 12.03 11.15 -13.74
N ALA A 103 13.34 11.03 -13.49
CA ALA A 103 14.33 11.20 -14.54
C ALA A 103 14.24 10.09 -15.60
N ASN A 104 13.62 8.97 -15.23
CA ASN A 104 13.30 7.91 -16.20
C ASN A 104 11.90 8.09 -16.81
N GLY A 105 11.26 9.21 -16.52
CA GLY A 105 9.93 9.47 -17.06
C GLY A 105 8.80 8.70 -16.37
N SER A 106 9.08 8.15 -15.20
CA SER A 106 8.07 7.38 -14.47
C SER A 106 7.51 8.18 -13.31
N PHE A 107 6.61 7.58 -12.53
CA PHE A 107 5.86 8.27 -11.49
C PHE A 107 5.82 7.46 -10.21
N VAL A 108 5.54 8.14 -9.09
CA VAL A 108 5.58 7.46 -7.81
C VAL A 108 4.49 7.95 -6.84
N SER A 109 3.77 7.00 -6.27
CA SER A 109 2.78 7.28 -5.22
C SER A 109 3.35 6.80 -3.90
N THR A 110 3.18 7.56 -2.83
CA THR A 110 3.57 7.05 -1.52
C THR A 110 2.36 6.55 -0.74
N GLN A 111 2.42 5.31 -0.27
CA GLN A 111 1.35 4.77 0.57
C GLN A 111 1.55 5.15 2.03
N LEU A 112 0.58 5.90 2.57
CA LEU A 112 0.61 6.39 3.93
C LEU A 112 -0.09 5.41 4.86
N ILE A 113 0.67 4.82 5.77
CA ILE A 113 0.09 3.81 6.66
C ILE A 113 0.07 4.33 8.09
N PHE A 114 -0.81 3.76 8.90
CA PHE A 114 -0.90 4.01 10.33
C PHE A 114 -1.25 2.64 10.88
N LEU A 115 -0.40 2.06 11.73
CA LEU A 115 -0.59 0.66 12.14
C LEU A 115 -1.83 0.45 13.01
N GLY A 116 -1.99 1.30 14.00
CA GLY A 116 -3.14 1.13 14.88
C GLY A 116 -2.95 -0.01 15.87
N ARG A 117 -3.98 -0.85 16.00
CA ARG A 117 -4.04 -1.85 17.07
C ARG A 117 -2.97 -2.93 16.97
N VAL A 118 -2.34 -3.07 15.80
CA VAL A 118 -1.31 -4.09 15.63
C VAL A 118 0.12 -3.56 15.89
N ALA A 119 0.23 -2.29 16.26
CA ALA A 119 1.53 -1.71 16.60
C ALA A 119 2.18 -2.51 17.73
N ASP A 120 3.46 -2.82 17.58
CA ASP A 120 4.19 -3.56 18.61
C ASP A 120 4.24 -2.73 19.91
N PRO A 121 3.71 -3.29 21.01
CA PRO A 121 3.57 -2.52 22.25
C PRO A 121 4.91 -2.12 22.86
N ALA A 122 5.93 -2.96 22.68
CA ALA A 122 7.26 -2.63 23.18
C ALA A 122 7.85 -1.48 22.36
N VAL A 123 7.74 -1.56 21.05
CA VAL A 123 8.20 -0.50 20.18
C VAL A 123 7.51 0.83 20.51
N MET A 124 6.19 0.81 20.66
CA MET A 124 5.46 2.03 20.95
C MET A 124 5.86 2.60 22.32
N LYS A 125 6.10 1.73 23.28
CA LYS A 125 6.51 2.15 24.62
C LYS A 125 7.80 2.99 24.62
N THR A 126 8.78 2.62 23.79
CA THR A 126 9.99 3.40 23.69
C THR A 126 9.76 4.84 23.18
N ARG A 127 8.65 5.06 22.49
CA ARG A 127 8.29 6.40 22.03
C ARG A 127 7.46 7.13 23.08
N GLY A 128 7.13 6.42 24.16
CA GLY A 128 6.24 6.96 25.16
C GLY A 128 4.80 6.97 24.67
N LEU A 129 4.45 6.04 23.79
CA LEU A 129 3.11 6.00 23.22
C LEU A 129 2.39 4.68 23.46
N ASN A 130 1.06 4.70 23.37
CA ASN A 130 0.28 3.48 23.40
CA ASN A 130 0.27 3.48 23.39
C ASN A 130 -0.02 3.00 21.97
N PRO A 131 -0.31 1.71 21.82
CA PRO A 131 -0.92 1.33 20.55
C PRO A 131 -2.33 1.95 20.57
N VAL A 132 -2.76 2.55 19.46
CA VAL A 132 -4.08 3.19 19.43
C VAL A 132 -4.98 2.60 18.33
N SER A 133 -6.27 2.84 18.43
CA SER A 133 -7.20 2.33 17.43
C SER A 133 -8.53 3.06 17.52
N ALA A 134 -9.46 2.69 16.66
CA ALA A 134 -10.83 3.19 16.75
C ALA A 134 -11.42 2.77 18.10
N SER A 135 -11.20 1.51 18.47
CA SER A 135 -11.67 1.00 19.75
C SER A 135 -10.54 0.18 20.39
N ALA A 136 -10.65 -0.09 21.69
CA ALA A 136 -9.60 -0.80 22.38
C ALA A 136 -9.75 -2.30 22.12
N THR A 137 -9.25 -2.77 20.99
CA THR A 137 -9.31 -4.19 20.66
C THR A 137 -7.95 -4.73 20.25
N TYR A 138 -7.83 -6.06 20.21
CA TYR A 138 -6.60 -6.72 19.81
C TYR A 138 -6.87 -7.72 18.70
N GLU A 139 -5.90 -7.97 17.84
CA GLU A 139 -6.12 -8.95 16.78
C GLU A 139 -6.16 -10.38 17.31
N SER A 140 -5.62 -10.60 18.51
CA SER A 140 -5.65 -11.92 19.13
C SER A 140 -5.43 -11.85 20.65
N ASP A 141 -5.73 -12.93 21.35
CA ASP A 141 -5.45 -13.01 22.79
C ASP A 141 -3.96 -12.84 23.05
N ALA A 142 -3.13 -13.38 22.16
CA ALA A 142 -1.69 -13.28 22.31
C ALA A 142 -1.25 -11.82 22.19
N ALA A 143 -1.87 -11.08 21.28
CA ALA A 143 -1.57 -9.67 21.12
C ALA A 143 -1.91 -8.91 22.40
N LYS A 144 -3.05 -9.25 22.99
CA LYS A 144 -3.51 -8.63 24.22
C LYS A 144 -2.51 -8.88 25.34
N GLU A 145 -2.09 -10.13 25.48
CA GLU A 145 -1.17 -10.50 26.54
C GLU A 145 0.18 -9.82 26.41
N ALA A 146 0.69 -9.74 25.17
CA ALA A 146 1.95 -9.07 24.91
C ALA A 146 1.93 -7.59 25.30
N ALA A 147 0.85 -6.90 24.98
CA ALA A 147 0.71 -5.49 25.33
C ALA A 147 0.58 -5.25 26.84
N GLU A 148 -0.26 -6.06 27.48
CA GLU A 148 -0.48 -5.95 28.93
C GLU A 148 0.75 -6.35 29.72
N ALA A 149 1.56 -7.24 29.15
CA ALA A 149 2.77 -7.69 29.79
C ALA A 149 3.77 -6.56 29.92
N VAL A 150 3.81 -5.67 28.92
CA VAL A 150 4.72 -4.53 29.01
C VAL A 150 4.01 -3.30 29.53
N GLY A 151 2.80 -3.49 30.05
CA GLY A 151 2.05 -2.37 30.62
C GLY A 151 1.70 -1.29 29.61
N ASN A 152 1.52 -1.69 28.35
CA ASN A 152 1.19 -0.74 27.29
C ASN A 152 0.00 -1.23 26.46
N PRO A 153 -1.18 -1.26 27.08
CA PRO A 153 -2.38 -1.77 26.41
C PRO A 153 -2.87 -0.83 25.32
N VAL A 154 -3.60 -1.39 24.34
CA VAL A 154 -4.18 -0.60 23.27
C VAL A 154 -5.28 0.29 23.83
N ARG A 155 -5.42 1.49 23.28
CA ARG A 155 -6.44 2.42 23.73
C ARG A 155 -7.17 3.09 22.58
N ALA A 156 -8.45 3.37 22.78
CA ALA A 156 -9.27 4.02 21.79
C ALA A 156 -8.86 5.49 21.70
N LEU A 157 -8.63 5.97 20.49
CA LEU A 157 -8.41 7.39 20.28
C LEU A 157 -9.63 8.18 20.75
N THR A 158 -9.40 9.33 21.35
CA THR A 158 -10.50 10.21 21.69
C THR A 158 -10.93 10.97 20.45
N THR A 159 -12.11 11.55 20.52
CA THR A 159 -12.67 12.28 19.39
C THR A 159 -11.70 13.35 18.91
N GLN A 160 -11.10 14.07 19.85
CA GLN A 160 -10.13 15.11 19.51
C GLN A 160 -8.89 14.53 18.80
N GLU A 161 -8.41 13.40 19.30
CA GLU A 161 -7.30 12.71 18.65
C GLU A 161 -7.64 12.31 17.21
N VAL A 162 -8.88 11.90 16.97
CA VAL A 162 -9.29 11.56 15.60
C VAL A 162 -9.23 12.82 14.73
N LYS A 163 -9.73 13.94 15.24
CA LYS A 163 -9.65 15.21 14.52
C LYS A 163 -8.19 15.55 14.22
N ASP A 164 -7.31 15.31 15.20
CA ASP A 164 -5.88 15.59 15.02
C ASP A 164 -5.28 14.78 13.89
N LEU A 165 -5.76 13.55 13.69
CA LEU A 165 -5.28 12.73 12.57
C LEU A 165 -5.48 13.45 11.26
N VAL A 166 -6.68 14.00 11.09
CA VAL A 166 -7.03 14.68 9.85
C VAL A 166 -6.24 15.98 9.70
N TYR A 167 -6.29 16.83 10.70
CA TYR A 167 -5.75 18.18 10.56
C TYR A 167 -4.27 18.33 10.94
N GLU A 168 -3.69 17.32 11.58
CA GLU A 168 -2.26 17.35 11.90
C GLU A 168 -1.47 16.19 11.27
N THR A 169 -1.68 14.97 11.75
CA THR A 169 -0.90 13.83 11.29
C THR A 169 -0.90 13.64 9.77
N TYR A 170 -2.08 13.42 9.20
CA TYR A 170 -2.16 13.18 7.76
C TYR A 170 -1.89 14.45 6.95
N THR A 171 -2.26 15.60 7.50
CA THR A 171 -1.97 16.86 6.83
C THR A 171 -0.47 17.08 6.67
N ASN A 172 0.28 16.93 7.76
CA ASN A 172 1.72 17.09 7.71
C ASN A 172 2.36 16.04 6.79
N ALA A 173 1.88 14.81 6.88
CA ALA A 173 2.40 13.75 6.00
C ALA A 173 2.18 14.09 4.53
N ALA A 174 1.00 14.63 4.23
CA ALA A 174 0.67 15.01 2.87
C ALA A 174 1.59 16.13 2.38
N GLN A 175 1.87 17.08 3.27
CA GLN A 175 2.74 18.21 2.92
C GLN A 175 4.19 17.77 2.71
N LYS A 176 4.68 16.90 3.59
CA LYS A 176 6.02 16.36 3.42
C LYS A 176 6.12 15.55 2.13
N ALA A 177 5.07 14.79 1.83
CA ALA A 177 5.03 14.01 0.59
C ALA A 177 5.15 14.93 -0.63
N MET A 178 4.50 16.08 -0.58
CA MET A 178 4.63 17.04 -1.69
C MET A 178 6.05 17.61 -1.75
N ASP A 179 6.58 18.01 -0.61
CA ASP A 179 8.00 18.40 -0.51
C ASP A 179 8.92 17.32 -1.08
N ALA A 180 8.56 16.06 -0.87
CA ALA A 180 9.37 14.94 -1.31
C ALA A 180 9.16 14.63 -2.78
N GLY A 181 8.30 15.38 -3.44
CA GLY A 181 8.09 15.21 -4.87
C GLY A 181 7.26 14.00 -5.26
N PHE A 182 6.45 13.46 -4.35
CA PHE A 182 5.54 12.37 -4.70
C PHE A 182 4.43 12.85 -5.62
N ASP A 183 4.11 12.03 -6.62
CA ASP A 183 3.04 12.36 -7.55
C ASP A 183 1.65 12.11 -6.95
N TYR A 184 1.56 11.15 -6.03
CA TYR A 184 0.30 10.84 -5.36
C TYR A 184 0.56 10.45 -3.91
N ILE A 185 -0.46 10.56 -3.07
CA ILE A 185 -0.44 9.93 -1.76
C ILE A 185 -1.58 8.91 -1.73
N GLU A 186 -1.33 7.75 -1.14
CA GLU A 186 -2.32 6.69 -1.11
C GLU A 186 -2.71 6.38 0.33
N LEU A 187 -3.99 6.54 0.66
CA LEU A 187 -4.43 6.19 2.00
C LEU A 187 -4.50 4.67 2.12
N HIS A 188 -3.79 4.13 3.10
CA HIS A 188 -3.82 2.68 3.33
C HIS A 188 -5.04 2.34 4.16
N ALA A 189 -6.09 1.87 3.50
CA ALA A 189 -7.33 1.51 4.19
C ALA A 189 -7.58 0.00 4.09
N ALA A 190 -6.49 -0.78 4.06
CA ALA A 190 -6.59 -2.20 3.82
C ALA A 190 -5.91 -3.00 4.91
N HIS A 191 -6.07 -4.32 4.81
CA HIS A 191 -5.24 -5.27 5.55
C HIS A 191 -5.26 -5.13 7.07
N GLY A 192 -6.36 -4.62 7.62
CA GLY A 192 -6.52 -4.53 9.05
C GLY A 192 -5.70 -3.47 9.76
N TYR A 193 -5.12 -2.52 9.01
CA TYR A 193 -4.43 -1.40 9.67
C TYR A 193 -5.43 -0.34 10.12
N LEU A 194 -4.95 0.83 10.55
CA LEU A 194 -5.82 1.79 11.25
C LEU A 194 -7.10 2.16 10.51
N LEU A 195 -7.00 2.55 9.25
CA LEU A 195 -8.20 3.03 8.54
C LEU A 195 -9.21 1.89 8.34
N ASP A 196 -8.70 0.69 8.06
CA ASP A 196 -9.55 -0.50 7.96
C ASP A 196 -10.19 -0.76 9.33
N GLN A 197 -9.43 -0.52 10.41
CA GLN A 197 -9.96 -0.72 11.78
C GLN A 197 -11.16 0.20 12.04
N PHE A 198 -11.09 1.43 11.54
CA PHE A 198 -12.23 2.34 11.62
C PHE A 198 -13.43 1.89 10.78
N LEU A 199 -13.15 1.40 9.57
CA LEU A 199 -14.20 1.08 8.61
C LEU A 199 -15.18 -0.03 9.05
N GLN A 200 -14.64 -1.11 9.59
CA GLN A 200 -15.40 -2.34 9.83
C GLN A 200 -15.82 -2.51 11.29
N PRO A 201 -16.98 -3.14 11.54
CA PRO A 201 -17.51 -3.15 12.91
C PRO A 201 -16.75 -4.03 13.90
N CYS A 202 -16.00 -5.03 13.43
CA CYS A 202 -15.30 -5.89 14.37
C CYS A 202 -14.23 -5.10 15.12
N THR A 203 -13.77 -4.00 14.51
CA THR A 203 -12.68 -3.21 15.07
C THR A 203 -13.11 -1.82 15.54
N ASN A 204 -14.35 -1.44 15.23
CA ASN A 204 -14.84 -0.12 15.58
C ASN A 204 -16.18 -0.25 16.27
N GLN A 205 -16.19 -0.04 17.58
CA GLN A 205 -17.42 0.02 18.36
CA GLN A 205 -17.48 0.07 18.27
C GLN A 205 -17.59 1.40 19.02
N ARG A 206 -17.09 2.45 18.37
CA ARG A 206 -17.16 3.80 18.93
C ARG A 206 -18.60 4.27 19.07
N THR A 207 -18.81 5.21 19.98
CA THR A 207 -20.14 5.79 20.18
C THR A 207 -20.15 7.29 19.89
N ASP A 208 -19.03 7.82 19.39
CA ASP A 208 -19.04 9.19 18.91
C ASP A 208 -19.36 9.21 17.41
N GLU A 209 -19.07 10.33 16.75
CA GLU A 209 -19.44 10.46 15.33
C GLU A 209 -18.63 9.55 14.41
N TYR A 210 -17.60 8.92 14.95
CA TYR A 210 -16.73 8.07 14.13
C TYR A 210 -17.05 6.57 14.25
N GLY A 211 -18.11 6.23 14.99
CA GLY A 211 -18.57 4.85 15.01
C GLY A 211 -20.07 4.72 15.28
N GLY A 212 -20.57 3.48 15.24
CA GLY A 212 -21.95 3.21 15.58
C GLY A 212 -22.88 3.00 14.39
N SER A 213 -22.35 3.15 13.18
CA SER A 213 -23.13 2.89 11.97
C SER A 213 -22.15 2.80 10.82
N ILE A 214 -22.63 2.33 9.68
CA ILE A 214 -21.77 2.20 8.50
C ILE A 214 -21.23 3.57 8.15
N GLU A 215 -22.13 4.54 8.17
CA GLU A 215 -21.78 5.90 7.78
C GLU A 215 -20.76 6.54 8.72
N ASN A 216 -20.94 6.33 10.01
CA ASN A 216 -20.02 6.88 10.99
C ASN A 216 -18.64 6.22 10.94
N ARG A 217 -18.62 4.91 10.72
CA ARG A 217 -17.33 4.20 10.59
C ARG A 217 -16.52 4.69 9.40
N ALA A 218 -17.21 5.08 8.33
CA ALA A 218 -16.55 5.59 7.13
C ALA A 218 -16.17 7.04 7.26
N ARG A 219 -16.74 7.74 8.26
CA ARG A 219 -16.56 9.19 8.38
C ARG A 219 -15.11 9.67 8.37
N LEU A 220 -14.26 9.06 9.18
CA LEU A 220 -12.83 9.45 9.21
C LEU A 220 -12.17 9.35 7.84
N ILE A 221 -12.41 8.24 7.15
CA ILE A 221 -11.77 8.01 5.85
C ILE A 221 -12.21 9.09 4.86
N LEU A 222 -13.50 9.39 4.85
CA LEU A 222 -14.00 10.38 3.90
C LEU A 222 -13.60 11.79 4.30
N GLU A 223 -13.43 12.02 5.60
CA GLU A 223 -12.92 13.32 6.08
CA GLU A 223 -12.92 13.31 6.09
C GLU A 223 -11.48 13.50 5.62
N LEU A 224 -10.71 12.40 5.65
CA LEU A 224 -9.34 12.44 5.16
C LEU A 224 -9.34 12.74 3.68
N ILE A 225 -10.19 12.03 2.93
CA ILE A 225 -10.29 12.26 1.48
C ILE A 225 -10.59 13.72 1.19
N ASP A 226 -11.60 14.25 1.87
CA ASP A 226 -12.06 15.61 1.60
C ASP A 226 -11.01 16.66 1.98
N HIS A 227 -10.42 16.51 3.16
CA HIS A 227 -9.45 17.48 3.63
C HIS A 227 -8.15 17.44 2.83
N LEU A 228 -7.64 16.25 2.56
CA LEU A 228 -6.42 16.14 1.78
C LEU A 228 -6.67 16.57 0.33
N SER A 229 -7.89 16.38 -0.16
CA SER A 229 -8.21 16.90 -1.49
C SER A 229 -8.01 18.41 -1.56
N THR A 230 -8.36 19.14 -0.50
CA THR A 230 -8.11 20.59 -0.50
C THR A 230 -6.64 20.93 -0.35
N ILE A 231 -5.85 20.05 0.26
CA ILE A 231 -4.43 20.30 0.45
CA ILE A 231 -4.43 20.31 0.45
C ILE A 231 -3.60 20.00 -0.80
N VAL A 232 -3.74 18.79 -1.34
CA VAL A 232 -2.88 18.38 -2.46
C VAL A 232 -3.63 18.27 -3.80
N GLY A 233 -4.96 18.35 -3.75
CA GLY A 233 -5.77 18.14 -4.93
C GLY A 233 -6.21 16.68 -5.04
N ALA A 234 -7.48 16.45 -5.34
CA ALA A 234 -8.01 15.09 -5.49
C ALA A 234 -7.24 14.27 -6.52
N ASP A 235 -6.73 14.94 -7.56
CA ASP A 235 -5.95 14.27 -8.60
C ASP A 235 -4.65 13.66 -8.10
N LYS A 236 -4.23 14.00 -6.88
CA LYS A 236 -3.01 13.39 -6.32
C LYS A 236 -3.31 12.38 -5.21
N ILE A 237 -4.54 11.89 -5.15
CA ILE A 237 -4.97 11.01 -4.07
C ILE A 237 -5.44 9.64 -4.55
N GLY A 238 -4.98 8.59 -3.89
CA GLY A 238 -5.52 7.27 -4.10
C GLY A 238 -5.84 6.66 -2.75
N ILE A 239 -6.38 5.46 -2.77
CA ILE A 239 -6.74 4.73 -1.57
C ILE A 239 -6.73 3.24 -1.86
N ARG A 240 -6.26 2.46 -0.89
CA ARG A 240 -6.28 1.02 -1.03
C ARG A 240 -7.26 0.37 -0.06
N ILE A 241 -8.03 -0.59 -0.56
CA ILE A 241 -8.93 -1.39 0.26
C ILE A 241 -8.80 -2.88 -0.09
N SER A 242 -9.08 -3.73 0.89
CA SER A 242 -9.01 -5.18 0.69
C SER A 242 -10.28 -5.77 1.27
N PRO A 243 -11.40 -5.63 0.55
CA PRO A 243 -12.71 -5.95 1.11
C PRO A 243 -12.79 -7.37 1.66
N TRP A 244 -12.11 -8.30 1.01
CA TRP A 244 -12.25 -9.73 1.31
C TRP A 244 -11.20 -10.26 2.27
N ALA A 245 -10.22 -9.44 2.61
CA ALA A 245 -9.07 -9.91 3.37
C ALA A 245 -9.42 -10.19 4.82
N THR A 246 -8.77 -11.21 5.37
CA THR A 246 -8.93 -11.54 6.78
C THR A 246 -7.60 -11.35 7.49
N PHE A 247 -6.68 -10.66 6.82
CA PHE A 247 -5.36 -10.34 7.36
C PHE A 247 -5.52 -9.58 8.69
N GLN A 248 -4.68 -9.92 9.66
CA GLN A 248 -4.71 -9.29 10.99
C GLN A 248 -6.08 -9.34 11.65
N ASN A 249 -6.71 -10.50 11.48
CA ASN A 249 -7.99 -10.85 12.09
C ASN A 249 -9.20 -9.96 11.75
N MET A 250 -9.23 -9.38 10.56
CA MET A 250 -10.48 -8.80 10.09
C MET A 250 -11.48 -9.93 9.79
N LYS A 251 -12.71 -9.77 10.26
CA LYS A 251 -13.70 -10.82 10.07
C LYS A 251 -14.21 -10.91 8.64
N ALA A 252 -14.14 -9.81 7.91
CA ALA A 252 -14.56 -9.77 6.51
C ALA A 252 -15.99 -10.28 6.35
N HIS A 253 -16.17 -11.32 5.53
CA HIS A 253 -17.51 -11.85 5.28
C HIS A 253 -18.20 -12.41 6.53
N LYS A 254 -17.43 -12.63 7.60
CA LYS A 254 -18.01 -13.12 8.86
C LYS A 254 -18.36 -12.00 9.83
N ASP A 255 -18.04 -10.75 9.47
CA ASP A 255 -18.37 -9.62 10.35
C ASP A 255 -19.90 -9.39 10.37
N THR A 256 -20.36 -8.53 11.28
CA THR A 256 -21.79 -8.25 11.43
C THR A 256 -22.30 -7.35 10.31
N VAL A 257 -21.38 -6.68 9.64
CA VAL A 257 -21.67 -5.99 8.40
C VAL A 257 -20.74 -6.58 7.34
N HIS A 258 -21.31 -6.99 6.21
CA HIS A 258 -20.59 -7.69 5.16
C HIS A 258 -19.73 -6.69 4.40
N PRO A 259 -18.55 -7.10 3.93
CA PRO A 259 -17.67 -6.18 3.19
C PRO A 259 -18.35 -5.56 1.98
N LEU A 260 -19.25 -6.29 1.33
CA LEU A 260 -19.95 -5.70 0.18
CA LEU A 260 -19.99 -5.74 0.20
C LEU A 260 -20.70 -4.45 0.60
N THR A 261 -21.23 -4.44 1.80
CA THR A 261 -21.98 -3.28 2.28
C THR A 261 -21.00 -2.16 2.62
N THR A 262 -20.03 -2.47 3.48
CA THR A 262 -19.04 -1.51 3.93
C THR A 262 -18.33 -0.83 2.75
N PHE A 263 -17.81 -1.63 1.83
CA PHE A 263 -16.95 -1.07 0.80
C PHE A 263 -17.71 -0.48 -0.39
N SER A 264 -18.90 -0.99 -0.68
CA SER A 264 -19.75 -0.32 -1.66
C SER A 264 -20.22 1.03 -1.16
N TYR A 265 -20.48 1.15 0.15
CA TYR A 265 -20.84 2.46 0.70
C TYR A 265 -19.71 3.45 0.42
N LEU A 266 -18.49 3.05 0.76
CA LEU A 266 -17.32 3.92 0.63
C LEU A 266 -17.07 4.30 -0.83
N VAL A 267 -17.09 3.31 -1.70
CA VAL A 267 -16.78 3.54 -3.11
C VAL A 267 -17.83 4.44 -3.77
N HIS A 268 -19.09 4.27 -3.38
CA HIS A 268 -20.17 5.09 -3.95
C HIS A 268 -20.05 6.55 -3.48
N GLU A 269 -19.64 6.75 -2.23
CA GLU A 269 -19.36 8.09 -1.74
C GLU A 269 -18.20 8.74 -2.51
N LEU A 270 -17.19 7.94 -2.87
CA LEU A 270 -16.08 8.45 -3.65
C LEU A 270 -16.54 8.84 -5.04
N GLN A 271 -17.42 8.04 -5.63
CA GLN A 271 -17.90 8.37 -6.96
C GLN A 271 -18.73 9.65 -6.94
N GLN A 272 -19.51 9.84 -5.89
CA GLN A 272 -20.31 11.06 -5.79
C GLN A 272 -19.41 12.29 -5.72
N ARG A 273 -18.27 12.15 -5.06
CA ARG A 273 -17.27 13.22 -5.08
C ARG A 273 -16.74 13.45 -6.50
N ALA A 274 -16.52 12.36 -7.23
CA ALA A 274 -16.07 12.47 -8.62
C ALA A 274 -17.11 13.18 -9.48
N ASP A 275 -18.38 12.92 -9.22
CA ASP A 275 -19.47 13.56 -9.99
C ASP A 275 -19.48 15.06 -9.73
N LYS A 276 -18.94 15.48 -8.58
CA LYS A 276 -18.87 16.89 -8.22
C LYS A 276 -17.54 17.54 -8.65
N GLY A 277 -16.73 16.81 -9.41
CA GLY A 277 -15.44 17.35 -9.84
C GLY A 277 -14.29 17.18 -8.84
N GLN A 278 -14.49 16.33 -7.84
CA GLN A 278 -13.44 16.04 -6.86
C GLN A 278 -13.10 14.55 -6.87
N GLY A 279 -12.97 13.98 -8.06
CA GLY A 279 -12.65 12.57 -8.17
C GLY A 279 -11.19 12.28 -7.86
N ILE A 280 -10.93 11.37 -6.95
CA ILE A 280 -9.55 11.01 -6.65
C ILE A 280 -8.92 10.26 -7.82
N ALA A 281 -7.60 10.12 -7.80
CA ALA A 281 -6.86 9.58 -8.95
C ALA A 281 -7.17 8.11 -9.24
N TYR A 282 -7.22 7.30 -8.18
CA TYR A 282 -7.47 5.87 -8.35
C TYR A 282 -7.95 5.21 -7.07
N ILE A 283 -8.65 4.09 -7.23
CA ILE A 283 -8.93 3.21 -6.12
C ILE A 283 -8.14 1.91 -6.31
N SER A 284 -7.35 1.55 -5.30
CA SER A 284 -6.58 0.32 -5.37
C SER A 284 -7.32 -0.77 -4.58
N VAL A 285 -7.54 -1.92 -5.20
CA VAL A 285 -8.29 -3.00 -4.56
C VAL A 285 -7.51 -4.30 -4.61
N VAL A 286 -7.55 -5.07 -3.54
CA VAL A 286 -6.86 -6.35 -3.50
C VAL A 286 -7.81 -7.46 -3.93
N GLU A 287 -7.43 -8.19 -4.96
CA GLU A 287 -8.26 -9.27 -5.48
C GLU A 287 -8.34 -10.42 -4.46
N PRO A 288 -9.49 -11.09 -4.37
CA PRO A 288 -9.71 -12.10 -3.33
C PRO A 288 -8.75 -13.30 -3.40
N ARG A 289 -7.93 -13.41 -4.46
CA ARG A 289 -6.89 -14.43 -4.49
C ARG A 289 -5.82 -14.24 -3.41
N VAL A 290 -5.73 -13.02 -2.87
CA VAL A 290 -4.71 -12.70 -1.86
C VAL A 290 -5.30 -11.94 -0.67
N SER A 291 -4.88 -12.32 0.52
CA SER A 291 -5.27 -11.62 1.74
C SER A 291 -4.01 -11.15 2.47
N GLY A 292 -3.72 -9.86 2.36
CA GLY A 292 -2.48 -9.33 2.93
C GLY A 292 -1.30 -9.83 2.12
N ASN A 293 -0.48 -10.69 2.73
CA ASN A 293 0.61 -11.34 2.01
C ASN A 293 0.37 -12.85 1.88
N VAL A 294 -0.88 -13.27 2.09
CA VAL A 294 -1.24 -14.68 2.10
C VAL A 294 -2.16 -15.07 0.93
N ASP A 295 -1.77 -16.08 0.16
CA ASP A 295 -2.62 -16.56 -0.93
C ASP A 295 -3.87 -17.26 -0.37
N VAL A 296 -5.00 -17.07 -1.04
CA VAL A 296 -6.30 -17.62 -0.60
C VAL A 296 -6.86 -18.58 -1.64
N SER A 297 -7.22 -19.80 -1.22
CA SER A 297 -7.76 -20.79 -2.15
C SER A 297 -9.11 -20.34 -2.66
N GLU A 298 -9.47 -20.76 -3.86
CA GLU A 298 -10.77 -20.39 -4.43
C GLU A 298 -11.93 -20.85 -3.54
N GLU A 299 -11.71 -21.93 -2.80
CA GLU A 299 -12.71 -22.44 -1.87
C GLU A 299 -13.05 -21.41 -0.79
N ASP A 300 -12.04 -20.66 -0.35
CA ASP A 300 -12.21 -19.70 0.74
C ASP A 300 -12.59 -18.29 0.26
N GLN A 301 -12.61 -18.09 -1.05
CA GLN A 301 -12.99 -16.80 -1.62
C GLN A 301 -14.49 -16.58 -1.49
N ALA A 302 -14.85 -15.53 -0.77
CA ALA A 302 -16.23 -15.29 -0.37
C ALA A 302 -16.92 -14.25 -1.25
N GLY A 303 -16.19 -13.71 -2.21
CA GLY A 303 -16.73 -12.69 -3.10
C GLY A 303 -15.69 -12.16 -4.07
N ASP A 304 -16.04 -11.14 -4.83
CA ASP A 304 -15.10 -10.51 -5.75
C ASP A 304 -15.23 -8.99 -5.77
N ASN A 305 -14.42 -8.32 -6.57
CA ASN A 305 -14.42 -6.86 -6.58
C ASN A 305 -15.19 -6.23 -7.74
N GLU A 306 -16.06 -7.01 -8.36
CA GLU A 306 -16.90 -6.49 -9.44
C GLU A 306 -17.63 -5.23 -9.03
N PHE A 307 -18.11 -5.19 -7.79
CA PHE A 307 -18.85 -4.03 -7.32
C PHE A 307 -18.07 -2.71 -7.47
N VAL A 308 -16.74 -2.78 -7.33
CA VAL A 308 -15.94 -1.57 -7.45
C VAL A 308 -16.04 -1.01 -8.87
N SER A 309 -15.99 -1.92 -9.85
CA SER A 309 -16.06 -1.51 -11.25
C SER A 309 -17.45 -0.99 -11.61
N LYS A 310 -18.49 -1.55 -10.99
CA LYS A 310 -19.87 -1.13 -11.31
C LYS A 310 -20.18 0.24 -10.72
N ILE A 311 -19.61 0.53 -9.56
CA ILE A 311 -19.94 1.74 -8.83
C ILE A 311 -19.01 2.92 -9.14
N TRP A 312 -17.71 2.61 -9.25
CA TRP A 312 -16.69 3.64 -9.50
C TRP A 312 -16.39 3.74 -11.00
N LYS A 313 -16.38 4.96 -11.53
CA LYS A 313 -16.20 5.18 -12.96
C LYS A 313 -14.74 5.49 -13.32
N GLY A 314 -13.89 5.71 -12.31
CA GLY A 314 -12.54 6.15 -12.56
C GLY A 314 -11.51 5.02 -12.67
N VAL A 315 -10.25 5.37 -12.46
CA VAL A 315 -9.16 4.41 -12.54
C VAL A 315 -9.19 3.44 -11.36
N ILE A 316 -9.02 2.15 -11.66
CA ILE A 316 -8.92 1.12 -10.64
C ILE A 316 -7.60 0.38 -10.82
N LEU A 317 -6.92 0.12 -9.71
CA LEU A 317 -5.74 -0.71 -9.71
C LEU A 317 -6.08 -2.01 -8.98
N LYS A 318 -5.90 -3.13 -9.66
CA LYS A 318 -6.10 -4.44 -9.06
C LYS A 318 -4.76 -5.17 -8.94
N ALA A 319 -4.60 -5.93 -7.86
CA ALA A 319 -3.41 -6.76 -7.68
C ALA A 319 -3.78 -8.02 -6.92
N GLY A 320 -2.99 -9.08 -7.10
CA GLY A 320 -3.19 -10.30 -6.34
C GLY A 320 -3.01 -11.55 -7.18
N ASN A 321 -1.79 -12.08 -7.19
CA ASN A 321 -1.47 -13.32 -7.90
C ASN A 321 -1.98 -13.32 -9.35
N TYR A 322 -1.63 -12.27 -10.09
CA TYR A 322 -2.09 -12.17 -11.47
C TYR A 322 -1.46 -13.19 -12.39
N SER A 323 -0.35 -13.79 -11.98
CA SER A 323 0.31 -14.78 -12.84
C SER A 323 -0.27 -16.19 -12.64
N TYR A 324 -1.36 -16.29 -11.87
CA TYR A 324 -1.91 -17.60 -11.53
C TYR A 324 -2.40 -18.34 -12.78
N ASP A 325 -2.76 -17.60 -13.82
CA ASP A 325 -3.14 -18.23 -15.10
C ASP A 325 -2.17 -17.93 -16.24
N ALA A 326 -0.91 -17.67 -15.88
CA ALA A 326 0.18 -17.62 -16.86
C ALA A 326 0.29 -18.98 -17.54
N PRO A 327 0.80 -19.03 -18.78
CA PRO A 327 1.40 -17.95 -19.56
C PRO A 327 0.40 -17.04 -20.28
N GLU A 328 -0.86 -17.43 -20.38
CA GLU A 328 -1.78 -16.67 -21.23
C GLU A 328 -2.36 -15.39 -20.62
N PHE A 329 -2.34 -15.29 -19.29
CA PHE A 329 -2.84 -14.11 -18.59
C PHE A 329 -4.28 -13.77 -18.95
N LYS A 330 -5.14 -14.78 -18.94
CA LYS A 330 -6.55 -14.60 -19.31
C LYS A 330 -7.30 -13.63 -18.39
N THR A 331 -7.09 -13.76 -17.08
CA THR A 331 -7.77 -12.93 -16.10
C THR A 331 -7.30 -11.49 -16.22
N LEU A 332 -5.97 -11.31 -16.23
CA LEU A 332 -5.36 -9.99 -16.40
C LEU A 332 -5.94 -9.29 -17.61
N LYS A 333 -6.01 -10.01 -18.73
CA LYS A 333 -6.56 -9.45 -19.96
C LYS A 333 -8.03 -9.09 -19.85
N GLU A 334 -8.84 -9.93 -19.19
CA GLU A 334 -10.25 -9.58 -18.97
C GLU A 334 -10.35 -8.33 -18.09
N ASP A 335 -9.49 -8.28 -17.08
CA ASP A 335 -9.57 -7.22 -16.06
C ASP A 335 -9.18 -5.86 -16.60
N ILE A 336 -8.29 -5.81 -17.58
CA ILE A 336 -7.89 -4.52 -18.15
C ILE A 336 -8.67 -4.15 -19.41
N ALA A 337 -9.59 -5.02 -19.83
CA ALA A 337 -10.31 -4.78 -21.08
C ALA A 337 -11.16 -3.50 -21.08
N ASP A 338 -11.61 -3.05 -19.91
CA ASP A 338 -12.43 -1.84 -19.85
C ASP A 338 -11.63 -0.54 -20.01
N LYS A 339 -10.33 -0.67 -20.20
CA LYS A 339 -9.44 0.48 -20.48
C LYS A 339 -9.22 1.49 -19.35
N ARG A 340 -9.80 1.26 -18.16
CA ARG A 340 -9.52 2.14 -17.02
C ARG A 340 -8.87 1.41 -15.82
N THR A 341 -8.40 0.19 -16.06
CA THR A 341 -7.86 -0.66 -15.01
C THR A 341 -6.36 -0.94 -15.13
N LEU A 342 -5.65 -0.72 -14.02
CA LEU A 342 -4.23 -1.05 -13.90
C LEU A 342 -4.09 -2.38 -13.17
N VAL A 343 -3.00 -3.09 -13.46
CA VAL A 343 -2.75 -4.38 -12.81
C VAL A 343 -1.40 -4.37 -12.13
N GLY A 344 -1.40 -4.82 -10.87
CA GLY A 344 -0.22 -4.73 -10.04
C GLY A 344 0.43 -6.08 -9.84
N PHE A 345 1.76 -6.07 -9.77
CA PHE A 345 2.52 -7.26 -9.41
C PHE A 345 3.46 -6.88 -8.29
N SER A 346 3.26 -7.44 -7.09
CA SER A 346 4.16 -7.16 -5.97
C SER A 346 5.30 -8.17 -5.90
N ARG A 347 4.98 -9.42 -5.57
CA ARG A 347 6.02 -10.43 -5.34
C ARG A 347 7.00 -10.59 -6.51
N TYR A 348 6.48 -10.75 -7.72
CA TYR A 348 7.37 -10.90 -8.87
C TYR A 348 8.20 -9.65 -9.18
N PHE A 349 7.73 -8.49 -8.73
CA PHE A 349 8.53 -7.28 -8.92
C PHE A 349 9.74 -7.29 -7.98
N THR A 350 9.66 -8.05 -6.89
CA THR A 350 10.80 -8.08 -5.97
C THR A 350 11.99 -8.78 -6.63
N SER A 351 11.71 -9.83 -7.39
CA SER A 351 12.79 -10.60 -8.00
C SER A 351 13.04 -10.23 -9.46
N ASN A 352 12.19 -9.36 -10.01
CA ASN A 352 12.34 -8.93 -11.40
C ASN A 352 12.24 -7.41 -11.52
N PRO A 353 13.36 -6.71 -11.28
CA PRO A 353 13.33 -5.25 -11.30
C PRO A 353 12.89 -4.70 -12.66
N ASN A 354 13.15 -5.46 -13.72
CA ASN A 354 12.72 -5.09 -15.06
C ASN A 354 11.41 -5.78 -15.44
N LEU A 355 10.53 -6.01 -14.47
CA LEU A 355 9.29 -6.75 -14.72
C LEU A 355 8.42 -6.23 -15.86
N VAL A 356 8.29 -4.91 -15.99
CA VAL A 356 7.48 -4.38 -17.09
C VAL A 356 8.05 -4.85 -18.45
N TRP A 357 9.37 -4.77 -18.58
CA TRP A 357 10.06 -5.23 -19.80
C TRP A 357 9.86 -6.73 -20.01
N LYS A 358 10.00 -7.52 -18.94
CA LYS A 358 9.79 -8.96 -19.04
C LYS A 358 8.38 -9.29 -19.50
N LEU A 359 7.39 -8.61 -18.93
CA LEU A 359 6.00 -8.88 -19.28
C LEU A 359 5.71 -8.43 -20.69
N ARG A 360 6.29 -7.30 -21.07
CA ARG A 360 6.14 -6.78 -22.43
C ARG A 360 6.55 -7.81 -23.48
N ASP A 361 7.71 -8.43 -23.29
CA ASP A 361 8.27 -9.28 -24.33
C ASP A 361 8.24 -10.77 -24.01
N GLY A 362 7.51 -11.13 -22.95
CA GLY A 362 7.32 -12.53 -22.60
C GLY A 362 8.59 -13.23 -22.16
N ILE A 363 9.37 -12.59 -21.32
CA ILE A 363 10.61 -13.17 -20.81
C ILE A 363 10.33 -13.92 -19.51
N ASP A 364 10.87 -15.14 -19.38
CA ASP A 364 10.65 -15.96 -18.18
C ASP A 364 10.87 -15.15 -16.91
N LEU A 365 9.97 -15.29 -15.94
CA LEU A 365 10.12 -14.54 -14.70
C LEU A 365 11.05 -15.26 -13.72
N VAL A 366 11.93 -14.51 -13.08
CA VAL A 366 12.78 -15.04 -12.02
C VAL A 366 11.92 -15.26 -10.76
N PRO A 367 12.03 -16.45 -10.15
CA PRO A 367 11.21 -16.74 -8.97
C PRO A 367 11.61 -15.83 -7.83
N TYR A 368 10.67 -15.51 -6.94
CA TYR A 368 10.97 -14.63 -5.83
C TYR A 368 11.44 -15.42 -4.60
N ASP A 369 12.03 -14.71 -3.64
CA ASP A 369 12.59 -15.38 -2.47
C ASP A 369 11.94 -14.88 -1.19
N ARG A 370 10.91 -15.59 -0.73
CA ARG A 370 10.17 -15.21 0.49
C ARG A 370 11.10 -15.03 1.67
N ASN A 371 12.14 -15.88 1.75
CA ASN A 371 13.09 -15.81 2.87
C ASN A 371 13.72 -14.43 3.05
N THR A 372 13.85 -13.67 1.96
CA THR A 372 14.47 -12.35 2.06
C THR A 372 13.50 -11.17 1.86
N PHE A 373 12.20 -11.42 1.93
CA PHE A 373 11.21 -10.34 1.86
C PHE A 373 11.43 -9.28 2.93
N TYR A 374 11.67 -9.73 4.17
CA TYR A 374 11.66 -8.82 5.32
C TYR A 374 12.97 -8.72 6.12
N SER A 375 14.08 -9.24 5.58
CA SER A 375 15.36 -9.17 6.29
C SER A 375 15.96 -7.76 6.20
N ASP A 376 17.02 -7.49 6.95
CA ASP A 376 17.48 -6.10 7.13
C ASP A 376 18.63 -5.65 6.24
N ASN A 377 19.00 -6.44 5.26
CA ASN A 377 20.20 -6.16 4.47
C ASN A 377 19.99 -6.36 2.98
N ASN A 378 21.03 -6.13 2.19
CA ASN A 378 20.88 -6.07 0.75
C ASN A 378 20.69 -7.40 0.05
N TYR A 379 21.00 -8.50 0.73
CA TYR A 379 20.85 -9.80 0.10
C TYR A 379 19.37 -10.05 -0.16
N GLY A 380 19.06 -10.47 -1.38
CA GLY A 380 17.69 -10.75 -1.76
C GLY A 380 16.90 -9.47 -1.98
N TYR A 381 17.59 -8.34 -1.98
CA TYR A 381 16.96 -7.04 -2.18
C TYR A 381 17.38 -6.44 -3.52
N ASN A 382 18.49 -5.70 -3.52
CA ASN A 382 19.00 -5.09 -4.75
C ASN A 382 19.86 -6.07 -5.55
N THR A 383 20.09 -7.25 -4.99
CA THR A 383 20.93 -8.26 -5.64
C THR A 383 20.28 -8.81 -6.91
N PHE A 384 18.96 -8.68 -7.01
CA PHE A 384 18.25 -9.17 -8.19
C PHE A 384 18.54 -8.35 -9.43
N SER A 385 19.19 -7.20 -9.27
CA SER A 385 19.55 -6.36 -10.41
CA SER A 385 19.55 -6.38 -10.42
C SER A 385 20.95 -6.69 -10.92
N MET A 386 21.64 -7.59 -10.24
CA MET A 386 23.00 -7.97 -10.60
C MET A 386 23.00 -9.26 -11.39
N ASP A 387 24.06 -9.50 -12.15
CA ASP A 387 24.24 -10.82 -12.74
C ASP A 387 24.53 -11.81 -11.62
N SER A 388 23.87 -12.96 -11.70
CA SER A 388 23.94 -13.97 -10.64
CA SER A 388 23.93 -13.96 -10.64
C SER A 388 25.36 -14.25 -10.16
N GLU A 389 26.30 -14.33 -11.10
CA GLU A 389 27.67 -14.69 -10.77
C GLU A 389 28.53 -13.54 -10.25
N GLU A 390 27.99 -12.33 -10.23
CA GLU A 390 28.74 -11.19 -9.71
C GLU A 390 28.36 -10.88 -8.26
N VAL A 391 27.40 -11.64 -7.74
CA VAL A 391 26.88 -11.39 -6.40
C VAL A 391 27.74 -12.06 -5.34
N ASP A 392 28.33 -11.24 -4.46
CA ASP A 392 29.05 -11.75 -3.30
C ASP A 392 28.08 -11.81 -2.14
N LYS A 393 27.52 -13.00 -1.94
CA LYS A 393 26.48 -13.20 -0.93
C LYS A 393 26.83 -12.67 0.46
N GLU A 394 28.00 -13.06 0.97
CA GLU A 394 28.36 -12.76 2.35
C GLU A 394 28.55 -11.27 2.56
N LEU A 395 29.09 -10.61 1.54
CA LEU A 395 29.22 -9.17 1.54
C LEU A 395 27.84 -8.50 1.59
N GLU A 396 26.92 -9.00 0.76
CA GLU A 396 25.58 -8.39 0.66
C GLU A 396 24.74 -8.57 1.91
N ILE A 397 24.87 -9.73 2.56
CA ILE A 397 24.21 -9.97 3.85
C ILE A 397 24.69 -8.94 4.87
N LYS A 398 25.95 -8.53 4.72
CA LYS A 398 26.52 -7.54 5.63
C LYS A 398 26.16 -6.10 5.24
N ARG A 399 25.66 -5.90 4.03
CA ARG A 399 25.34 -4.56 3.57
C ARG A 399 23.98 -4.13 4.11
N VAL A 400 23.99 -3.36 5.19
CA VAL A 400 22.77 -2.81 5.74
C VAL A 400 22.50 -1.43 5.14
N PRO A 401 21.27 -0.91 5.30
CA PRO A 401 20.98 0.42 4.73
C PRO A 401 21.87 1.51 5.31
N SER A 402 22.30 2.44 4.47
CA SER A 402 23.06 3.59 4.91
C SER A 402 22.44 4.85 4.32
N ALA A 403 22.87 5.99 4.82
CA ALA A 403 22.39 7.28 4.32
C ALA A 403 22.57 7.38 2.81
N ILE A 404 21.61 8.03 2.16
CA ILE A 404 21.78 8.33 0.74
C ILE A 404 22.97 9.27 0.61
N GLU A 405 23.92 8.87 -0.23
CA GLU A 405 25.24 9.54 -0.33
C GLU A 405 25.94 9.61 1.03
N1 FMN B . 0.35 -4.22 0.64
C2 FMN B . 0.17 -2.95 1.06
O2 FMN B . -0.91 -2.38 0.89
N3 FMN B . 1.17 -2.30 1.71
C4 FMN B . 2.37 -2.89 1.93
O4 FMN B . 3.27 -2.26 2.53
C4A FMN B . 2.59 -4.22 1.51
N5 FMN B . 3.77 -4.86 1.71
C5A FMN B . 3.95 -6.12 1.25
C6 FMN B . 5.16 -6.77 1.44
C7 FMN B . 5.33 -8.07 0.96
C7M FMN B . 6.67 -8.78 1.16
C8 FMN B . 4.29 -8.71 0.29
C8M FMN B . 4.44 -10.13 -0.24
C9 FMN B . 3.09 -8.05 0.10
C9A FMN B . 2.90 -6.75 0.56
N10 FMN B . 1.69 -6.13 0.36
C10 FMN B . 1.54 -4.86 0.83
C1' FMN B . 0.62 -6.76 -0.37
C2' FMN B . 0.93 -6.53 -1.87
O2' FMN B . 0.89 -5.15 -2.23
C3' FMN B . 0.08 -7.28 -2.86
O3' FMN B . -1.23 -6.82 -2.81
C4' FMN B . 0.12 -8.85 -2.70
O4' FMN B . 1.40 -9.31 -2.50
C5' FMN B . -0.56 -9.50 -3.91
O5' FMN B . 0.09 -9.18 -5.08
P FMN B . 1.11 -10.21 -5.69
O1P FMN B . 0.43 -11.57 -5.87
O2P FMN B . 2.31 -10.34 -4.72
O3P FMN B . 1.58 -9.69 -7.07
C1 MLA C . 10.34 2.74 16.01
O1A MLA C . 10.92 1.67 15.69
O1B MLA C . 9.43 3.21 15.28
C2 MLA C . 10.73 3.45 17.27
C3 MLA C . 11.88 4.37 17.01
O3A MLA C . 12.44 4.98 17.96
O3B MLA C . 12.28 4.54 15.83
C1 MLA D . 0.82 -6.49 4.06
O1A MLA D . -0.24 -6.48 3.39
O1B MLA D . 1.51 -7.55 4.11
C2 MLA D . 1.31 -5.29 4.82
C3 MLA D . 0.64 -3.99 4.47
O3A MLA D . 1.17 -2.90 4.88
O3B MLA D . -0.43 -3.92 3.84
NA NA E . -11.66 -4.67 -14.57
NA NA F . 2.47 4.54 -25.24
CL9 4CH G . 4.27 -6.96 4.93
C4 4CH G . 2.83 -6.07 4.72
C5 4CH G . 2.79 -4.73 5.07
C6 4CH G . 1.61 -4.01 4.89
C1 4CH G . 0.50 -4.62 4.36
O7 4CH G . -0.66 -3.91 4.18
C2 4CH G . 0.54 -5.97 4.00
C3 4CH G . 1.71 -6.69 4.18
#